data_3UJ8
#
_entry.id   3UJ8
#
_cell.length_a   89.308
_cell.length_b   43.886
_cell.length_c   77.133
_cell.angle_alpha   90.00
_cell.angle_beta   108.58
_cell.angle_gamma   90.00
#
_symmetry.space_group_name_H-M   'C 1 2 1'
#
loop_
_entity.id
_entity.type
_entity.pdbx_description
1 polymer 'Phosphoethanolamine N-methyltransferase'
2 non-polymer SINEFUNGIN
3 non-polymer 'PHOSPHATE ION'
4 water water
#
_entity_poly.entity_id   1
_entity_poly.type   'polypeptide(L)'
_entity_poly.pdbx_seq_one_letter_code
;MTLIENLNSDKTFLENNQYTDEGVKVYEFIFGENYISSGGLEATKKILSDIELNENSKVLDIGSGLGGGCMYINEKYGAH
THGIDICSNIVNMANERVSGNNKIIFEANDILTKEFPENNFDLIYSRDAILHLSLENKNKLFQKCYKWLKPTGTLLITDY
CATEKENWDDEFKEYVKQRKYTLITVEEYADILTACNFKNVVSKDLSDYWNQLLEVEHKYLHENKEEFLKLFSEKKFISL
DDGWSRKIKDSKRKMQRWGYFKATKN
;
_entity_poly.pdbx_strand_id   A
#
# COMPACT_ATOMS: atom_id res chain seq x y z
N SER A 9 -7.27 14.23 -12.72
CA SER A 9 -8.56 13.86 -12.17
C SER A 9 -8.42 12.90 -10.98
N ASP A 10 -7.56 11.90 -11.13
CA ASP A 10 -7.33 10.91 -10.09
C ASP A 10 -6.76 11.57 -8.84
N LYS A 11 -5.76 12.43 -9.05
CA LYS A 11 -5.15 13.19 -7.99
C LYS A 11 -6.18 13.93 -7.13
N THR A 12 -7.08 14.67 -7.78
CA THR A 12 -8.06 15.45 -7.04
C THR A 12 -9.02 14.55 -6.29
N PHE A 13 -9.47 13.49 -6.93
CA PHE A 13 -10.35 12.53 -6.27
C PHE A 13 -9.75 11.99 -4.96
N LEU A 14 -8.48 11.58 -5.02
CA LEU A 14 -7.82 11.02 -3.84
C LEU A 14 -7.56 12.08 -2.76
N GLU A 15 -7.05 13.24 -3.16
CA GLU A 15 -6.75 14.31 -2.21
C GLU A 15 -8.01 14.84 -1.51
N ASN A 16 -9.12 14.83 -2.21
CA ASN A 16 -10.33 15.48 -1.72
C ASN A 16 -11.29 14.55 -0.99
N ASN A 17 -11.00 13.27 -0.96
CA ASN A 17 -11.88 12.27 -0.37
C ASN A 17 -11.13 11.32 0.55
N GLN A 18 -10.64 10.21 0.04
CA GLN A 18 -10.04 9.22 0.90
C GLN A 18 -8.80 9.75 1.64
N TYR A 19 -7.98 10.54 0.96
CA TYR A 19 -6.71 10.97 1.55
C TYR A 19 -6.64 12.47 1.79
N THR A 20 -7.73 13.03 2.31
CA THR A 20 -7.64 14.38 2.87
C THR A 20 -6.66 14.34 4.03
N ASP A 21 -6.20 15.50 4.46
CA ASP A 21 -5.30 15.56 5.62
C ASP A 21 -5.90 14.80 6.82
N GLU A 22 -7.15 15.09 7.14
CA GLU A 22 -7.78 14.44 8.29
C GLU A 22 -7.93 12.93 8.08
N GLY A 23 -8.30 12.53 6.86
CA GLY A 23 -8.43 11.12 6.54
C GLY A 23 -7.12 10.38 6.76
N VAL A 24 -6.03 11.02 6.35
CA VAL A 24 -4.69 10.50 6.55
C VAL A 24 -4.36 10.38 8.04
N LYS A 25 -4.72 11.39 8.84
CA LYS A 25 -4.44 11.34 10.27
C LYS A 25 -5.27 10.27 10.98
N VAL A 26 -6.49 10.05 10.52
CA VAL A 26 -7.31 8.98 11.06
C VAL A 26 -6.66 7.61 10.80
N TYR A 27 -6.18 7.40 9.57
CA TYR A 27 -5.48 6.18 9.24
C TYR A 27 -4.22 6.00 10.10
N GLU A 28 -3.46 7.08 10.28
CA GLU A 28 -2.25 7.01 11.07
C GLU A 28 -2.56 6.63 12.53
N PHE A 29 -3.69 7.10 13.04
CA PHE A 29 -4.10 6.74 14.39
C PHE A 29 -4.23 5.23 14.55
N ILE A 30 -4.88 4.58 13.60
CA ILE A 30 -5.14 3.15 13.75
C ILE A 30 -3.99 2.25 13.30
N PHE A 31 -3.18 2.74 12.39
CA PHE A 31 -2.07 1.95 11.84
C PHE A 31 -0.74 2.19 12.53
N GLY A 32 -0.60 3.35 13.17
CA GLY A 32 0.63 3.71 13.81
C GLY A 32 1.38 4.78 13.05
N GLU A 33 2.23 5.49 13.77
CA GLU A 33 2.98 6.63 13.26
C GLU A 33 3.66 6.36 11.92
N ASN A 34 3.41 7.23 10.95
CA ASN A 34 4.05 7.18 9.64
C ASN A 34 3.46 6.15 8.67
N TYR A 35 2.43 5.42 9.11
CA TYR A 35 1.80 4.40 8.27
C TYR A 35 0.32 4.69 8.06
N ILE A 36 -0.16 4.41 6.86
CA ILE A 36 -1.59 4.51 6.58
C ILE A 36 -2.10 3.26 5.89
N SER A 37 -1.45 2.13 6.16
CA SER A 37 -1.91 0.86 5.61
C SER A 37 -1.71 -0.32 6.56
N SER A 38 -2.36 -1.41 6.24
CA SER A 38 -2.39 -2.66 6.98
C SER A 38 -1.16 -2.98 7.80
N GLY A 39 -1.36 -3.10 9.11
CA GLY A 39 -0.33 -3.62 9.99
C GLY A 39 0.82 -2.70 10.35
N GLY A 40 0.86 -1.51 9.75
CA GLY A 40 1.87 -0.51 10.09
C GLY A 40 3.29 -1.06 10.13
N LEU A 41 4.02 -0.69 11.18
CA LEU A 41 5.43 -1.06 11.31
C LEU A 41 5.65 -2.56 11.40
N GLU A 42 4.85 -3.24 12.22
CA GLU A 42 5.09 -4.66 12.45
C GLU A 42 4.91 -5.49 11.18
N ALA A 43 3.89 -5.18 10.38
CA ALA A 43 3.71 -5.90 9.13
C ALA A 43 4.86 -5.61 8.17
N THR A 44 5.34 -4.36 8.18
CA THR A 44 6.47 -3.96 7.34
C THR A 44 7.72 -4.77 7.69
N LYS A 45 7.98 -4.94 8.98
CA LYS A 45 9.10 -5.78 9.41
C LYS A 45 8.98 -7.18 8.84
N LYS A 46 7.78 -7.76 8.89
CA LYS A 46 7.55 -9.11 8.39
C LYS A 46 7.71 -9.20 6.87
N ILE A 47 7.12 -8.26 6.15
CA ILE A 47 7.15 -8.23 4.69
C ILE A 47 8.57 -8.10 4.16
N LEU A 48 9.43 -7.40 4.89
CA LEU A 48 10.82 -7.20 4.47
C LEU A 48 11.82 -8.18 5.10
N SER A 49 11.30 -9.16 5.83
CA SER A 49 12.16 -10.02 6.64
C SER A 49 13.16 -10.87 5.84
N ASP A 50 12.83 -11.17 4.59
CA ASP A 50 13.72 -11.98 3.75
C ASP A 50 14.37 -11.18 2.62
N ILE A 51 14.32 -9.86 2.73
CA ILE A 51 14.86 -8.98 1.70
C ILE A 51 16.27 -8.51 2.07
N GLU A 52 17.19 -8.61 1.13
CA GLU A 52 18.57 -8.20 1.38
C GLU A 52 18.91 -6.97 0.55
N LEU A 53 19.33 -5.93 1.25
CA LEU A 53 19.73 -4.66 0.65
C LEU A 53 20.89 -4.10 1.46
N ASN A 54 21.55 -3.08 0.94
CA ASN A 54 22.56 -2.40 1.74
C ASN A 54 22.64 -0.92 1.42
N GLU A 55 23.69 -0.26 1.91
CA GLU A 55 23.79 1.18 1.83
C GLU A 55 23.91 1.67 0.39
N ASN A 56 24.23 0.76 -0.52
CA ASN A 56 24.38 1.11 -1.93
C ASN A 56 23.14 0.82 -2.76
N SER A 57 22.13 0.23 -2.13
CA SER A 57 20.90 -0.14 -2.84
C SER A 57 20.04 1.09 -3.15
N LYS A 58 19.28 1.01 -4.24
CA LYS A 58 18.30 2.02 -4.59
C LYS A 58 16.92 1.39 -4.58
N VAL A 59 15.99 2.04 -3.87
CA VAL A 59 14.66 1.52 -3.66
C VAL A 59 13.63 2.55 -4.14
N LEU A 60 12.59 2.06 -4.80
CA LEU A 60 11.41 2.86 -5.16
C LEU A 60 10.22 2.38 -4.34
N ASP A 61 9.50 3.30 -3.70
CA ASP A 61 8.26 2.97 -3.01
C ASP A 61 7.12 3.63 -3.77
N ILE A 62 6.28 2.81 -4.40
CA ILE A 62 5.17 3.29 -5.20
C ILE A 62 3.95 3.49 -4.33
N GLY A 63 3.56 4.76 -4.15
CA GLY A 63 2.47 5.13 -3.28
C GLY A 63 2.96 5.23 -1.85
N SER A 64 3.97 6.06 -1.64
CA SER A 64 4.76 6.04 -0.40
C SER A 64 4.06 6.61 0.85
N GLY A 65 2.94 7.29 0.67
CA GLY A 65 2.14 7.73 1.81
C GLY A 65 2.88 8.69 2.73
N LEU A 66 2.78 8.45 4.04
CA LEU A 66 3.47 9.29 5.02
C LEU A 66 4.94 8.93 5.15
N GLY A 67 5.38 7.90 4.43
CA GLY A 67 6.80 7.62 4.31
C GLY A 67 7.39 6.59 5.24
N GLY A 68 6.55 5.97 6.07
CA GLY A 68 7.03 4.98 7.02
C GLY A 68 7.85 3.86 6.41
N GLY A 69 7.41 3.36 5.26
CA GLY A 69 8.14 2.29 4.58
C GLY A 69 9.54 2.73 4.18
N CYS A 70 9.64 3.91 3.59
CA CYS A 70 10.95 4.44 3.21
C CYS A 70 11.85 4.64 4.42
N MET A 71 11.27 5.17 5.49
CA MET A 71 12.00 5.37 6.73
C MET A 71 12.55 4.05 7.26
N TYR A 72 11.72 3.02 7.25
CA TYR A 72 12.15 1.72 7.76
C TYR A 72 13.23 1.09 6.90
N ILE A 73 13.01 1.11 5.58
CA ILE A 73 14.00 0.54 4.67
C ILE A 73 15.34 1.26 4.80
N ASN A 74 15.31 2.58 4.91
CA ASN A 74 16.55 3.32 5.07
C ASN A 74 17.20 3.03 6.41
N GLU A 75 16.39 2.91 7.47
CA GLU A 75 16.93 2.59 8.80
C GLU A 75 17.56 1.20 8.83
N LYS A 76 16.86 0.21 8.29
CA LYS A 76 17.30 -1.18 8.36
C LYS A 76 18.53 -1.45 7.52
N TYR A 77 18.57 -0.87 6.33
CA TYR A 77 19.57 -1.22 5.33
C TYR A 77 20.53 -0.11 4.96
N GLY A 78 20.17 1.13 5.24
CA GLY A 78 20.98 2.27 4.82
C GLY A 78 20.75 2.62 3.35
N ALA A 79 19.73 2.02 2.75
CA ALA A 79 19.49 2.18 1.33
C ALA A 79 18.97 3.55 0.94
N HIS A 80 19.22 3.94 -0.30
CA HIS A 80 18.59 5.10 -0.89
CA HIS A 80 18.57 5.13 -0.83
C HIS A 80 17.12 4.78 -1.17
N THR A 81 16.20 5.59 -0.66
CA THR A 81 14.78 5.36 -0.89
C THR A 81 14.11 6.55 -1.55
N HIS A 82 13.35 6.28 -2.60
CA HIS A 82 12.63 7.30 -3.32
C HIS A 82 11.16 6.92 -3.30
N GLY A 83 10.36 7.72 -2.61
CA GLY A 83 8.93 7.48 -2.53
C GLY A 83 8.19 8.40 -3.47
N ILE A 84 7.25 7.83 -4.21
CA ILE A 84 6.39 8.59 -5.10
C ILE A 84 4.96 8.45 -4.60
N ASP A 85 4.26 9.58 -4.45
CA ASP A 85 2.85 9.54 -4.08
C ASP A 85 2.11 10.63 -4.84
N ILE A 86 0.93 10.32 -5.34
CA ILE A 86 0.20 11.25 -6.18
C ILE A 86 -0.42 12.40 -5.39
N CYS A 87 -0.66 12.18 -4.10
CA CYS A 87 -1.33 13.20 -3.28
C CYS A 87 -0.30 14.19 -2.71
N SER A 88 -0.36 15.43 -3.20
CA SER A 88 0.58 16.47 -2.80
CA SER A 88 0.60 16.44 -2.80
C SER A 88 0.54 16.75 -1.30
N ASN A 89 -0.66 16.71 -0.72
CA ASN A 89 -0.81 16.96 0.70
C ASN A 89 -0.14 15.89 1.56
N ILE A 90 -0.21 14.64 1.11
CA ILE A 90 0.43 13.55 1.81
C ILE A 90 1.95 13.66 1.73
N VAL A 91 2.46 14.00 0.55
CA VAL A 91 3.90 14.19 0.39
C VAL A 91 4.37 15.35 1.27
N ASN A 92 3.58 16.41 1.37
CA ASN A 92 3.96 17.51 2.25
C ASN A 92 4.06 17.04 3.70
N MET A 93 3.11 16.21 4.13
CA MET A 93 3.16 15.63 5.46
C MET A 93 4.38 14.72 5.65
N ALA A 94 4.66 13.88 4.66
CA ALA A 94 5.81 12.98 4.72
C ALA A 94 7.11 13.78 4.90
N ASN A 95 7.23 14.87 4.16
CA ASN A 95 8.43 15.70 4.20
C ASN A 95 8.66 16.32 5.58
N GLU A 96 7.61 16.47 6.36
CA GLU A 96 7.74 17.02 7.72
C GLU A 96 8.20 15.97 8.73
N ARG A 97 8.24 14.71 8.29
CA ARG A 97 8.50 13.58 9.17
C ARG A 97 9.97 13.16 9.13
N VAL A 98 10.72 13.73 8.17
CA VAL A 98 12.11 13.34 7.95
C VAL A 98 12.93 14.61 7.76
N SER A 99 14.07 14.69 8.42
CA SER A 99 14.97 15.80 8.18
C SER A 99 16.42 15.34 8.20
N GLY A 100 17.27 16.08 7.51
CA GLY A 100 18.71 15.85 7.52
C GLY A 100 19.15 14.51 6.93
N ASN A 101 18.28 13.88 6.13
CA ASN A 101 18.57 12.58 5.55
C ASN A 101 18.56 12.67 4.03
N ASN A 102 19.74 12.72 3.42
CA ASN A 102 19.83 12.88 1.97
C ASN A 102 19.63 11.58 1.21
N LYS A 103 19.26 10.51 1.90
CA LYS A 103 18.96 9.26 1.22
C LYS A 103 17.48 8.88 1.26
N ILE A 104 16.65 9.82 1.70
CA ILE A 104 15.19 9.67 1.61
C ILE A 104 14.66 10.83 0.80
N ILE A 105 13.95 10.51 -0.28
CA ILE A 105 13.31 11.51 -1.11
C ILE A 105 11.84 11.15 -1.23
N PHE A 106 10.97 12.12 -1.01
CA PHE A 106 9.54 11.97 -1.30
C PHE A 106 9.17 12.93 -2.41
N GLU A 107 8.39 12.45 -3.37
CA GLU A 107 8.05 13.24 -4.54
C GLU A 107 6.58 13.08 -4.86
N ALA A 108 5.91 14.20 -5.09
CA ALA A 108 4.51 14.19 -5.50
C ALA A 108 4.42 14.01 -7.00
N ASN A 109 3.88 12.87 -7.43
CA ASN A 109 3.71 12.61 -8.84
C ASN A 109 2.85 11.38 -9.02
N ASP A 110 2.20 11.28 -10.18
CA ASP A 110 1.52 10.07 -10.60
C ASP A 110 2.57 9.07 -11.06
N ILE A 111 2.59 7.88 -10.47
CA ILE A 111 3.58 6.89 -10.87
C ILE A 111 3.44 6.52 -12.36
N LEU A 112 2.25 6.71 -12.91
CA LEU A 112 2.00 6.34 -14.31
C LEU A 112 2.63 7.29 -15.32
N THR A 113 2.98 8.50 -14.89
CA THR A 113 3.65 9.44 -15.78
C THR A 113 5.12 9.69 -15.41
N LYS A 114 5.52 9.21 -14.23
CA LYS A 114 6.89 9.37 -13.77
C LYS A 114 7.88 8.64 -14.68
N GLU A 115 9.01 9.27 -14.97
CA GLU A 115 10.04 8.60 -15.75
C GLU A 115 11.26 8.30 -14.88
N PHE A 116 11.75 7.07 -15.00
CA PHE A 116 13.00 6.66 -14.36
C PHE A 116 13.81 5.95 -15.42
N PRO A 117 15.14 5.92 -15.24
CA PRO A 117 16.02 5.17 -16.15
C PRO A 117 15.75 3.67 -16.06
N GLU A 118 16.00 2.97 -17.16
CA GLU A 118 15.96 1.52 -17.16
C GLU A 118 17.04 0.99 -16.22
N ASN A 119 16.80 -0.17 -15.63
CA ASN A 119 17.81 -0.84 -14.81
C ASN A 119 18.31 0.02 -13.65
N ASN A 120 17.37 0.63 -12.94
CA ASN A 120 17.67 1.65 -11.94
C ASN A 120 17.59 1.18 -10.48
N PHE A 121 16.60 0.34 -10.16
CA PHE A 121 16.30 0.02 -8.78
C PHE A 121 16.63 -1.41 -8.39
N ASP A 122 17.17 -1.57 -7.18
CA ASP A 122 17.33 -2.89 -6.59
C ASP A 122 16.02 -3.48 -6.05
N LEU A 123 15.14 -2.61 -5.57
CA LEU A 123 13.85 -3.03 -5.05
C LEU A 123 12.81 -2.02 -5.48
N ILE A 124 11.71 -2.51 -6.05
CA ILE A 124 10.51 -1.71 -6.24
C ILE A 124 9.48 -2.30 -5.30
N TYR A 125 8.94 -1.43 -4.44
CA TYR A 125 8.15 -1.82 -3.28
C TYR A 125 6.85 -1.06 -3.31
N SER A 126 5.75 -1.73 -3.00
CA SER A 126 4.47 -1.04 -2.96
C SER A 126 3.56 -1.72 -1.96
N ARG A 127 2.91 -0.92 -1.11
CA ARG A 127 2.04 -1.43 -0.07
C ARG A 127 0.65 -0.81 -0.15
N ASP A 128 -0.31 -1.60 -0.61
CA ASP A 128 -1.72 -1.22 -0.64
C ASP A 128 -1.97 0.08 -1.39
N ALA A 129 -1.39 0.16 -2.58
CA ALA A 129 -1.50 1.36 -3.42
C ALA A 129 -2.08 1.05 -4.78
N ILE A 130 -1.78 -0.13 -5.30
CA ILE A 130 -2.09 -0.41 -6.70
C ILE A 130 -3.59 -0.70 -6.91
N LEU A 131 -4.31 -0.95 -5.82
CA LEU A 131 -5.76 -1.08 -5.89
CA LEU A 131 -5.77 -1.07 -5.87
C LEU A 131 -6.43 0.17 -6.48
N HIS A 132 -5.75 1.31 -6.41
CA HIS A 132 -6.28 2.55 -6.96
C HIS A 132 -6.22 2.60 -8.49
N LEU A 133 -5.42 1.74 -9.11
CA LEU A 133 -5.21 1.77 -10.55
C LEU A 133 -6.20 0.88 -11.29
N SER A 134 -6.71 1.36 -12.42
CA SER A 134 -7.53 0.52 -13.29
C SER A 134 -6.73 -0.69 -13.75
N LEU A 135 -7.42 -1.73 -14.23
CA LEU A 135 -6.75 -2.93 -14.71
C LEU A 135 -5.75 -2.60 -15.81
N GLU A 136 -6.16 -1.78 -16.77
CA GLU A 136 -5.26 -1.37 -17.85
C GLU A 136 -3.99 -0.71 -17.27
N ASN A 137 -4.18 0.11 -16.26
CA ASN A 137 -3.06 0.82 -15.64
C ASN A 137 -2.19 -0.05 -14.74
N LYS A 138 -2.76 -1.09 -14.13
CA LYS A 138 -1.94 -2.04 -13.39
C LYS A 138 -0.93 -2.68 -14.33
N ASN A 139 -1.41 -3.10 -15.50
CA ASN A 139 -0.54 -3.72 -16.50
CA ASN A 139 -0.55 -3.70 -16.51
C ASN A 139 0.52 -2.74 -16.97
N LYS A 140 0.11 -1.52 -17.31
CA LYS A 140 1.07 -0.50 -17.73
C LYS A 140 2.12 -0.25 -16.65
N LEU A 141 1.69 -0.16 -15.39
CA LEU A 141 2.62 0.08 -14.30
C LEU A 141 3.64 -1.06 -14.18
N PHE A 142 3.17 -2.30 -14.24
CA PHE A 142 4.11 -3.41 -14.05
C PHE A 142 5.10 -3.54 -15.20
N GLN A 143 4.69 -3.13 -16.41
CA GLN A 143 5.63 -3.01 -17.52
C GLN A 143 6.71 -1.98 -17.23
N LYS A 144 6.32 -0.84 -16.66
CA LYS A 144 7.30 0.18 -16.29
C LYS A 144 8.24 -0.36 -15.22
N CYS A 145 7.67 -1.04 -14.24
CA CYS A 145 8.47 -1.60 -13.14
C CYS A 145 9.50 -2.59 -13.67
N TYR A 146 9.10 -3.42 -14.63
CA TYR A 146 10.03 -4.37 -15.23
C TYR A 146 11.22 -3.64 -15.82
N LYS A 147 10.98 -2.59 -16.59
CA LYS A 147 12.06 -1.79 -17.17
C LYS A 147 12.94 -1.17 -16.09
N TRP A 148 12.30 -0.62 -15.07
CA TRP A 148 13.01 0.15 -14.05
C TRP A 148 13.86 -0.69 -13.10
N LEU A 149 13.52 -1.96 -12.96
CA LEU A 149 14.30 -2.83 -12.09
C LEU A 149 15.67 -3.10 -12.69
N LYS A 150 16.69 -3.16 -11.84
CA LYS A 150 17.98 -3.70 -12.26
C LYS A 150 17.81 -5.18 -12.61
N PRO A 151 18.72 -5.70 -13.44
CA PRO A 151 18.68 -7.13 -13.76
C PRO A 151 18.62 -8.02 -12.52
N THR A 152 19.26 -7.58 -11.44
CA THR A 152 19.32 -8.33 -10.19
C THR A 152 18.21 -7.92 -9.21
N GLY A 153 17.29 -7.08 -9.67
CA GLY A 153 16.30 -6.48 -8.79
C GLY A 153 15.08 -7.32 -8.47
N THR A 154 14.34 -6.87 -7.46
CA THR A 154 13.16 -7.55 -6.95
C THR A 154 11.97 -6.60 -6.86
N LEU A 155 10.79 -7.13 -7.17
CA LEU A 155 9.51 -6.45 -7.02
C LEU A 155 8.81 -7.06 -5.82
N LEU A 156 8.30 -6.21 -4.93
CA LEU A 156 7.68 -6.67 -3.69
C LEU A 156 6.42 -5.83 -3.42
N ILE A 157 5.29 -6.51 -3.37
CA ILE A 157 3.98 -5.85 -3.35
CA ILE A 157 3.99 -5.83 -3.32
C ILE A 157 3.05 -6.46 -2.31
N THR A 158 2.32 -5.62 -1.57
CA THR A 158 1.06 -6.09 -0.96
C THR A 158 -0.05 -5.25 -1.57
N ASP A 159 -1.21 -5.85 -1.76
CA ASP A 159 -2.31 -5.09 -2.35
C ASP A 159 -3.63 -5.74 -1.98
N TYR A 160 -4.69 -4.95 -2.04
CA TYR A 160 -6.03 -5.46 -1.81
C TYR A 160 -6.50 -6.20 -3.05
N CYS A 161 -6.98 -7.43 -2.83
CA CYS A 161 -7.54 -8.27 -3.88
C CYS A 161 -8.92 -8.73 -3.44
N ALA A 162 -9.55 -9.57 -4.26
CA ALA A 162 -10.89 -10.02 -3.96
C ALA A 162 -11.16 -11.37 -4.59
N THR A 163 -12.22 -12.01 -4.14
CA THR A 163 -12.80 -13.13 -4.84
C THR A 163 -13.26 -12.65 -6.23
N GLU A 164 -13.56 -13.60 -7.11
CA GLU A 164 -14.09 -13.27 -8.42
C GLU A 164 -15.33 -12.37 -8.31
N LYS A 165 -15.45 -11.43 -9.26
CA LYS A 165 -16.52 -10.44 -9.26
C LYS A 165 -17.92 -11.05 -9.19
N GLU A 166 -18.10 -12.20 -9.82
CA GLU A 166 -19.37 -12.91 -9.86
C GLU A 166 -19.89 -13.24 -8.46
N ASN A 167 -18.97 -13.26 -7.49
CA ASN A 167 -19.30 -13.63 -6.11
C ASN A 167 -19.59 -12.46 -5.18
N TRP A 168 -19.41 -11.23 -5.67
CA TRP A 168 -19.52 -10.06 -4.81
C TRP A 168 -20.97 -9.82 -4.38
N ASP A 169 -21.15 -9.39 -3.12
CA ASP A 169 -22.49 -9.01 -2.67
C ASP A 169 -22.69 -7.50 -2.79
N ASP A 170 -23.90 -7.04 -2.49
CA ASP A 170 -24.26 -5.63 -2.65
C ASP A 170 -23.32 -4.69 -1.90
N GLU A 171 -23.05 -5.01 -0.64
CA GLU A 171 -22.21 -4.14 0.18
C GLU A 171 -20.79 -4.06 -0.37
N PHE A 172 -20.27 -5.18 -0.82
CA PHE A 172 -18.90 -5.18 -1.34
C PHE A 172 -18.82 -4.43 -2.67
N LYS A 173 -19.82 -4.61 -3.53
CA LYS A 173 -19.89 -3.85 -4.79
C LYS A 173 -19.88 -2.36 -4.50
N GLU A 174 -20.66 -1.95 -3.51
CA GLU A 174 -20.73 -0.54 -3.15
C GLU A 174 -19.41 -0.01 -2.56
N TYR A 175 -18.78 -0.80 -1.69
CA TYR A 175 -17.48 -0.44 -1.13
C TYR A 175 -16.47 -0.14 -2.24
N VAL A 176 -16.34 -1.06 -3.18
CA VAL A 176 -15.39 -0.89 -4.27
C VAL A 176 -15.76 0.30 -5.16
N LYS A 177 -17.05 0.45 -5.45
CA LYS A 177 -17.49 1.54 -6.32
C LYS A 177 -17.23 2.91 -5.71
N GLN A 178 -17.58 3.07 -4.44
CA GLN A 178 -17.43 4.37 -3.79
C GLN A 178 -15.96 4.79 -3.69
N ARG A 179 -15.07 3.82 -3.45
CA ARG A 179 -13.65 4.12 -3.34
C ARG A 179 -12.93 4.17 -4.69
N LYS A 180 -13.63 3.74 -5.74
CA LYS A 180 -13.07 3.62 -7.09
C LYS A 180 -11.88 2.66 -7.16
N TYR A 181 -11.89 1.64 -6.31
CA TYR A 181 -10.87 0.60 -6.38
C TYR A 181 -11.12 -0.30 -7.58
N THR A 182 -10.05 -0.90 -8.08
CA THR A 182 -10.15 -2.00 -9.02
C THR A 182 -9.52 -3.21 -8.34
N LEU A 183 -10.36 -4.11 -7.84
CA LEU A 183 -9.88 -5.28 -7.10
C LEU A 183 -10.00 -6.53 -7.94
N ILE A 184 -8.86 -7.16 -8.18
CA ILE A 184 -8.81 -8.38 -8.97
C ILE A 184 -8.40 -9.56 -8.07
N THR A 185 -8.45 -10.76 -8.60
CA THR A 185 -8.09 -11.92 -7.80
C THR A 185 -6.58 -12.03 -7.66
N VAL A 186 -6.14 -12.72 -6.62
CA VAL A 186 -4.71 -12.95 -6.43
C VAL A 186 -4.13 -13.64 -7.68
N GLU A 187 -4.91 -14.55 -8.26
CA GLU A 187 -4.45 -15.29 -9.43
C GLU A 187 -4.31 -14.40 -10.66
N GLU A 188 -5.28 -13.51 -10.89
CA GLU A 188 -5.20 -12.57 -12.00
C GLU A 188 -3.99 -11.64 -11.85
N TYR A 189 -3.74 -11.22 -10.61
CA TYR A 189 -2.63 -10.34 -10.29
C TYR A 189 -1.31 -11.03 -10.65
N ALA A 190 -1.14 -12.27 -10.19
CA ALA A 190 0.06 -13.02 -10.50
C ALA A 190 0.21 -13.21 -12.01
N ASP A 191 -0.90 -13.41 -12.70
CA ASP A 191 -0.86 -13.57 -14.15
C ASP A 191 -0.36 -12.30 -14.84
N ILE A 192 -0.73 -11.13 -14.32
CA ILE A 192 -0.21 -9.89 -14.89
C ILE A 192 1.30 -9.83 -14.77
N LEU A 193 1.82 -10.16 -13.60
CA LEU A 193 3.26 -10.12 -13.40
C LEU A 193 3.96 -11.10 -14.36
N THR A 194 3.38 -12.29 -14.53
CA THR A 194 3.94 -13.24 -15.46
C THR A 194 3.89 -12.71 -16.90
N ALA A 195 2.79 -12.06 -17.27
CA ALA A 195 2.66 -11.50 -18.62
C ALA A 195 3.68 -10.39 -18.85
N CYS A 196 4.09 -9.73 -17.78
CA CYS A 196 5.09 -8.65 -17.86
C CYS A 196 6.52 -9.18 -17.84
N ASN A 197 6.67 -10.50 -17.86
CA ASN A 197 7.97 -11.18 -17.95
C ASN A 197 8.75 -11.29 -16.67
N PHE A 198 8.10 -11.01 -15.55
CA PHE A 198 8.76 -11.22 -14.28
C PHE A 198 9.02 -12.70 -14.07
N LYS A 199 10.10 -12.99 -13.36
CA LYS A 199 10.49 -14.37 -13.07
C LYS A 199 10.28 -14.67 -11.60
N ASN A 200 10.21 -15.95 -11.27
CA ASN A 200 10.09 -16.37 -9.88
C ASN A 200 8.91 -15.68 -9.21
N VAL A 201 7.81 -15.61 -9.92
CA VAL A 201 6.65 -14.93 -9.38
C VAL A 201 6.05 -15.74 -8.25
N VAL A 202 6.05 -15.17 -7.05
CA VAL A 202 5.47 -15.82 -5.90
C VAL A 202 4.29 -15.00 -5.42
N SER A 203 3.12 -15.63 -5.39
CA SER A 203 1.95 -14.99 -4.81
C SER A 203 1.52 -15.73 -3.55
N LYS A 204 1.13 -14.97 -2.54
CA LYS A 204 0.61 -15.55 -1.32
C LYS A 204 -0.70 -14.85 -0.98
N ASP A 205 -1.72 -15.63 -0.69
CA ASP A 205 -2.95 -15.09 -0.15
C ASP A 205 -2.71 -14.96 1.35
N LEU A 206 -2.52 -13.74 1.82
CA LEU A 206 -2.25 -13.50 3.22
C LEU A 206 -3.48 -13.02 3.92
N SER A 207 -4.63 -13.45 3.49
CA SER A 207 -5.88 -12.98 4.08
C SER A 207 -6.02 -13.35 5.55
N ASP A 208 -5.52 -14.52 5.95
CA ASP A 208 -5.60 -14.92 7.35
C ASP A 208 -4.75 -14.01 8.25
N TYR A 209 -3.53 -13.74 7.82
CA TYR A 209 -2.65 -12.83 8.53
C TYR A 209 -3.26 -11.42 8.53
N TRP A 210 -3.85 -11.03 7.41
CA TRP A 210 -4.47 -9.72 7.30
C TRP A 210 -5.60 -9.61 8.32
N ASN A 211 -6.39 -10.66 8.42
CA ASN A 211 -7.48 -10.72 9.38
C ASN A 211 -6.96 -10.53 10.80
N GLN A 212 -5.79 -11.09 11.09
CA GLN A 212 -5.18 -10.94 12.42
C GLN A 212 -4.76 -9.49 12.67
N LEU A 213 -4.16 -8.86 11.66
CA LEU A 213 -3.78 -7.46 11.76
C LEU A 213 -5.00 -6.59 12.01
N LEU A 214 -6.07 -6.85 11.26
CA LEU A 214 -7.32 -6.11 11.38
C LEU A 214 -7.89 -6.23 12.79
N GLU A 215 -7.82 -7.43 13.37
CA GLU A 215 -8.38 -7.65 14.71
C GLU A 215 -7.60 -6.88 15.77
N VAL A 216 -6.28 -6.85 15.65
CA VAL A 216 -5.44 -6.09 16.57
C VAL A 216 -5.76 -4.59 16.46
N GLU A 217 -5.91 -4.13 15.22
CA GLU A 217 -6.23 -2.72 14.96
C GLU A 217 -7.62 -2.36 15.50
N HIS A 218 -8.59 -3.24 15.29
CA HIS A 218 -9.95 -3.04 15.77
C HIS A 218 -9.96 -2.93 17.29
N LYS A 219 -9.22 -3.82 17.94
CA LYS A 219 -9.14 -3.80 19.41
C LYS A 219 -8.51 -2.50 19.89
N TYR A 220 -7.43 -2.08 19.22
CA TYR A 220 -6.77 -0.84 19.56
C TYR A 220 -7.74 0.34 19.46
N LEU A 221 -8.50 0.38 18.37
CA LEU A 221 -9.46 1.45 18.16
C LEU A 221 -10.46 1.51 19.30
N HIS A 222 -11.00 0.35 19.68
CA HIS A 222 -11.99 0.26 20.75
C HIS A 222 -11.43 0.71 22.10
N GLU A 223 -10.20 0.30 22.40
CA GLU A 223 -9.60 0.60 23.70
C GLU A 223 -9.09 2.02 23.78
N ASN A 224 -9.00 2.69 22.64
CA ASN A 224 -8.53 4.07 22.61
C ASN A 224 -9.57 5.02 22.06
N LYS A 225 -10.83 4.63 22.24
CA LYS A 225 -11.95 5.41 21.74
C LYS A 225 -12.00 6.83 22.29
N GLU A 226 -11.77 7.00 23.59
CA GLU A 226 -11.86 8.32 24.20
CA GLU A 226 -11.90 8.33 24.15
C GLU A 226 -10.87 9.29 23.56
N GLU A 227 -9.64 8.84 23.37
CA GLU A 227 -8.63 9.67 22.73
C GLU A 227 -9.01 9.95 21.27
N PHE A 228 -9.49 8.93 20.57
CA PHE A 228 -9.94 9.12 19.20
C PHE A 228 -10.99 10.21 19.09
N LEU A 229 -11.99 10.16 19.99
CA LEU A 229 -13.07 11.15 19.96
C LEU A 229 -12.54 12.56 20.21
N LYS A 230 -11.52 12.68 21.06
CA LYS A 230 -10.92 13.97 21.33
C LYS A 230 -10.19 14.54 20.12
N LEU A 231 -9.52 13.66 19.38
CA LEU A 231 -8.76 14.08 18.21
C LEU A 231 -9.65 14.30 16.99
N PHE A 232 -10.72 13.55 16.89
CA PHE A 232 -11.53 13.50 15.69
C PHE A 232 -12.99 13.78 16.00
N SER A 233 -13.87 12.82 15.77
CA SER A 233 -15.29 12.99 16.08
C SER A 233 -15.90 11.60 16.20
N GLU A 234 -17.09 11.53 16.79
CA GLU A 234 -17.78 10.25 16.92
C GLU A 234 -18.18 9.70 15.54
N LYS A 235 -18.57 10.59 14.65
CA LYS A 235 -18.92 10.21 13.28
C LYS A 235 -17.76 9.48 12.61
N LYS A 236 -16.56 10.06 12.71
CA LYS A 236 -15.38 9.44 12.13
C LYS A 236 -15.05 8.11 12.80
N PHE A 237 -15.29 8.04 14.12
CA PHE A 237 -15.06 6.79 14.83
C PHE A 237 -15.95 5.66 14.30
N ILE A 238 -17.23 5.96 14.18
CA ILE A 238 -18.20 4.98 13.71
C ILE A 238 -17.86 4.49 12.29
N SER A 239 -17.52 5.42 11.41
CA SER A 239 -17.12 5.05 10.05
C SER A 239 -15.93 4.10 10.04
N LEU A 240 -14.91 4.44 10.84
CA LEU A 240 -13.71 3.63 10.91
C LEU A 240 -14.01 2.26 11.51
N ASP A 241 -14.75 2.26 12.62
CA ASP A 241 -15.14 1.04 13.32
C ASP A 241 -15.88 0.09 12.39
N ASP A 242 -16.91 0.61 11.71
CA ASP A 242 -17.70 -0.20 10.80
C ASP A 242 -16.86 -0.68 9.61
N GLY A 243 -15.95 0.15 9.13
CA GLY A 243 -15.09 -0.21 8.03
C GLY A 243 -14.20 -1.41 8.35
N TRP A 244 -13.62 -1.38 9.54
CA TRP A 244 -12.82 -2.51 10.01
C TRP A 244 -13.67 -3.75 10.26
N SER A 245 -14.87 -3.57 10.82
CA SER A 245 -15.77 -4.70 11.01
CA SER A 245 -15.76 -4.69 11.01
C SER A 245 -16.04 -5.42 9.70
N ARG A 246 -16.31 -4.65 8.63
CA ARG A 246 -16.58 -5.26 7.34
C ARG A 246 -15.34 -5.95 6.76
N LYS A 247 -14.18 -5.31 6.88
CA LYS A 247 -12.96 -5.94 6.38
C LYS A 247 -12.70 -7.26 7.09
N ILE A 248 -12.97 -7.31 8.39
CA ILE A 248 -12.77 -8.52 9.17
C ILE A 248 -13.73 -9.62 8.68
N LYS A 249 -15.00 -9.27 8.54
CA LYS A 249 -15.99 -10.22 8.03
C LYS A 249 -15.64 -10.71 6.64
N ASP A 250 -15.30 -9.78 5.75
CA ASP A 250 -15.10 -10.13 4.35
C ASP A 250 -13.80 -10.88 4.10
N SER A 251 -12.79 -10.65 4.93
CA SER A 251 -11.55 -11.41 4.82
C SER A 251 -11.75 -12.83 5.36
N LYS A 252 -12.54 -12.96 6.42
CA LYS A 252 -12.81 -14.28 7.00
C LYS A 252 -13.50 -15.19 6.00
N ARG A 253 -14.43 -14.63 5.24
CA ARG A 253 -15.20 -15.44 4.30
C ARG A 253 -14.65 -15.36 2.88
N LYS A 254 -13.48 -14.73 2.75
CA LYS A 254 -12.69 -14.78 1.52
C LYS A 254 -13.24 -13.91 0.38
N MET A 255 -14.16 -13.02 0.71
CA MET A 255 -14.65 -12.08 -0.30
CA MET A 255 -14.68 -12.05 -0.26
C MET A 255 -13.61 -11.01 -0.60
N GLN A 256 -12.96 -10.49 0.44
CA GLN A 256 -11.85 -9.55 0.28
C GLN A 256 -10.58 -10.28 0.69
N ARG A 257 -9.51 -10.11 -0.08
CA ARG A 257 -8.27 -10.83 0.16
C ARG A 257 -7.10 -9.88 0.25
N TRP A 258 -6.06 -10.27 0.96
CA TRP A 258 -4.83 -9.49 0.99
C TRP A 258 -3.77 -10.27 0.25
N GLY A 259 -3.30 -9.71 -0.86
CA GLY A 259 -2.33 -10.39 -1.71
C GLY A 259 -0.92 -9.89 -1.48
N TYR A 260 0.02 -10.83 -1.47
CA TYR A 260 1.44 -10.56 -1.43
C TYR A 260 2.04 -11.10 -2.71
N PHE A 261 2.96 -10.34 -3.29
CA PHE A 261 3.60 -10.72 -4.54
C PHE A 261 5.07 -10.36 -4.48
N LYS A 262 5.92 -11.30 -4.83
CA LYS A 262 7.35 -11.05 -4.96
C LYS A 262 7.79 -11.64 -6.30
N ALA A 263 8.63 -10.92 -7.02
CA ALA A 263 9.11 -11.41 -8.30
C ALA A 263 10.44 -10.78 -8.62
N THR A 264 11.12 -11.30 -9.63
CA THR A 264 12.43 -10.77 -10.00
C THR A 264 12.49 -10.46 -11.49
N LYS A 265 13.47 -9.66 -11.89
CA LYS A 265 13.61 -9.35 -13.30
C LYS A 265 14.26 -10.51 -14.06
N ASN A 266 15.14 -11.24 -13.39
CA ASN A 266 15.84 -12.37 -14.01
C ASN A 266 15.90 -13.58 -13.08
#